data_6AMA
#
_entry.id   6AMA
#
_cell.length_a   159.351
_cell.length_b   159.351
_cell.length_c   130.829
_cell.angle_alpha   90.000
_cell.angle_beta   90.000
_cell.angle_gamma   90.000
#
_symmetry.space_group_name_H-M   'P 41 2 2'
#
loop_
_entity.id
_entity.type
_entity.pdbx_description
1 polymer 'Putative DNA-binding protein'
2 polymer 'DNA (99-MER)'
3 polymer 'DNA (99-MER)'
#
loop_
_entity_poly.entity_id
_entity_poly.type
_entity_poly.pdbx_seq_one_letter_code
_entity_poly.pdbx_strand_id
1 'polypeptide(L)' GSHMTARTPDAEPLLTPAEVATMFRVDPKTVTRWAKAGKLTSIRTLGGHRRYREAEVRALLAGIPQQRSEA A,B,G,H,K,L,Y,C,D,O,P
2 'polydeoxyribonucleotide'
;(DT)(DA)(DC)(DC)(DC)(DG)(DA)(DA)(DT)(DT)(DA)(DC)(DC)(DC)(DG)(DA)(DA)(DT)(DT)(DA)
(DC)(DC)(DC)(DG)(DA)(DA)(DT)(DT)(DA)(DC)(DC)(DC)(DG)(DA)(DA)(DT)(DT)(DA)(DC)(DC)
(DC)(DG)(DA)(DA)(DT)(DT)(DA)(DC)(DC)(DC)(DG)(DA)(DA)(DT)(DT)(DA)(DC)(DC)(DC)(DG)
(DA)(DA)(DT)(DT)(DA)(DC)(DC)(DC)(DG)(DA)(DA)(DT)(DT)(DA)(DC)(DC)(DC)(DG)(DA)(DA)
(DT)(DT)(DA)(DC)(DC)(DC)(DG)(DA)(DA)(DT)(DT)(DA)(DC)(DC)(DC)(DG)(DA)(DA)(DT)
;
N
3 'polydeoxyribonucleotide'
;(DA)(DT)(DT)(DC)(DG)(DG)(DG)(DT)(DA)(DA)(DT)(DT)(DC)(DG)(DG)(DG)(DT)(DA)(DA)(DT)
(DT)(DC)(DG)(DG)(DG)(DT)(DA)(DA)(DT)(DT)(DC)(DG)(DG)(DG)(DT)(DA)(DA)(DT)(DT)(DC)
(DG)(DG)(DG)(DT)(DA)(DA)(DT)(DT)(DC)(DG)(DG)(DG)(DT)(DA)(DA)(DT)(DT)(DC)(DG)(DG)
(DG)(DT)(DA)(DA)(DT)(DT)(DC)(DG)(DG)(DG)(DT)(DA)(DA)(DT)(DT)(DC)(DG)(DG)(DG)(DT)
(DA)(DA)(DT)(DT)(DC)(DG)(DG)(DG)(DT)(DA)(DA)(DT)(DT)(DC)(DG)(DG)(DG)(DT)(DA)
;
R
#
loop_
_chem_comp.id
_chem_comp.type
_chem_comp.name
_chem_comp.formula
DA DNA linking 2'-DEOXYADENOSINE-5'-MONOPHOSPHATE 'C10 H14 N5 O6 P'
DC DNA linking 2'-DEOXYCYTIDINE-5'-MONOPHOSPHATE 'C9 H14 N3 O7 P'
DG DNA linking 2'-DEOXYGUANOSINE-5'-MONOPHOSPHATE 'C10 H14 N5 O7 P'
DT DNA linking THYMIDINE-5'-MONOPHOSPHATE 'C10 H15 N2 O8 P'
#
# COMPACT_ATOMS: atom_id res chain seq x y z
N GLU A 12 32.08 -51.74 -99.07
CA GLU A 12 31.77 -50.64 -98.17
C GLU A 12 32.74 -50.61 -96.99
N PRO A 13 32.70 -49.54 -96.19
CA PRO A 13 33.47 -49.43 -94.94
C PRO A 13 32.57 -49.77 -93.76
N LEU A 14 33.06 -50.56 -92.82
CA LEU A 14 32.22 -51.06 -91.74
C LEU A 14 32.66 -50.69 -90.32
N LEU A 15 31.69 -50.69 -89.41
CA LEU A 15 31.94 -50.41 -88.00
C LEU A 15 31.36 -51.53 -87.14
N THR A 16 32.04 -51.85 -86.03
CA THR A 16 31.53 -52.81 -85.07
C THR A 16 30.40 -52.14 -84.30
N PRO A 17 29.52 -52.94 -83.67
CA PRO A 17 28.41 -52.34 -82.92
C PRO A 17 28.89 -51.39 -81.83
N ALA A 18 30.03 -51.71 -81.21
CA ALA A 18 30.61 -50.81 -80.22
C ALA A 18 30.92 -49.47 -80.86
N GLU A 19 31.64 -49.50 -81.97
CA GLU A 19 32.03 -48.29 -82.66
C GLU A 19 30.82 -47.46 -83.05
N VAL A 20 29.69 -48.12 -83.29
CA VAL A 20 28.46 -47.41 -83.57
C VAL A 20 27.94 -46.82 -82.28
N ALA A 21 27.81 -47.69 -81.28
CA ALA A 21 27.39 -47.28 -79.94
C ALA A 21 28.16 -46.07 -79.45
N THR A 22 29.44 -46.28 -79.16
CA THR A 22 30.31 -45.23 -78.67
C THR A 22 30.09 -43.88 -79.37
N MET A 23 29.96 -43.91 -80.69
CA MET A 23 29.71 -42.68 -81.45
C MET A 23 28.41 -42.02 -81.04
N PHE A 24 27.35 -42.81 -80.94
CA PHE A 24 26.04 -42.31 -80.57
C PHE A 24 25.89 -42.17 -79.06
N ARG A 25 26.99 -42.37 -78.35
CA ARG A 25 26.95 -42.38 -76.89
C ARG A 25 25.77 -43.24 -76.45
N VAL A 26 25.92 -44.55 -76.59
CA VAL A 26 24.82 -45.49 -76.42
C VAL A 26 25.36 -46.90 -76.22
N ASP A 27 24.60 -47.74 -75.52
CA ASP A 27 24.99 -49.13 -75.27
C ASP A 27 24.74 -49.96 -76.53
N PRO A 28 25.69 -50.84 -76.87
CA PRO A 28 25.61 -51.73 -78.03
C PRO A 28 24.22 -52.32 -78.21
N LYS A 29 23.64 -52.85 -77.14
CA LYS A 29 22.31 -53.47 -77.23
C LYS A 29 21.30 -52.56 -77.93
N THR A 30 21.47 -51.25 -77.77
CA THR A 30 20.59 -50.30 -78.42
C THR A 30 20.81 -50.36 -79.92
N VAL A 31 22.08 -50.36 -80.32
CA VAL A 31 22.44 -50.48 -81.72
C VAL A 31 21.81 -51.75 -82.29
N THR A 32 22.03 -52.86 -81.60
CA THR A 32 21.47 -54.14 -82.01
C THR A 32 19.95 -54.10 -82.03
N ARG A 33 19.38 -53.14 -81.30
CA ARG A 33 17.93 -52.98 -81.28
C ARG A 33 17.51 -52.00 -82.38
N TRP A 34 18.40 -51.07 -82.69
CA TRP A 34 18.18 -50.14 -83.79
C TRP A 34 18.17 -50.93 -85.08
N ALA A 35 19.17 -51.81 -85.21
CA ALA A 35 19.29 -52.69 -86.36
C ALA A 35 18.06 -53.59 -86.44
N LYS A 36 17.84 -54.38 -85.39
CA LYS A 36 16.73 -55.32 -85.35
C LYS A 36 15.41 -54.63 -85.68
N ALA A 37 15.35 -53.33 -85.43
CA ALA A 37 14.13 -52.56 -85.65
C ALA A 37 13.93 -52.22 -87.11
N GLY A 38 15.03 -51.95 -87.80
CA GLY A 38 14.97 -51.54 -89.20
C GLY A 38 15.26 -50.07 -89.35
N LYS A 39 16.22 -49.58 -88.57
CA LYS A 39 16.62 -48.18 -88.62
C LYS A 39 18.10 -48.05 -88.98
N LEU A 40 18.75 -49.19 -89.17
CA LEU A 40 20.18 -49.23 -89.41
C LEU A 40 20.55 -50.51 -90.17
N THR A 41 21.11 -50.36 -91.37
CA THR A 41 21.48 -51.50 -92.20
C THR A 41 22.71 -52.23 -91.65
N SER A 42 22.55 -53.53 -91.39
CA SER A 42 23.64 -54.33 -90.83
C SER A 42 24.00 -55.51 -91.71
N ILE A 43 25.22 -56.00 -91.55
CA ILE A 43 25.72 -57.14 -92.32
C ILE A 43 26.53 -58.07 -91.43
N ARG A 44 25.92 -59.19 -91.07
CA ARG A 44 26.51 -60.11 -90.09
C ARG A 44 27.73 -60.86 -90.62
N THR A 45 28.74 -61.01 -89.76
CA THR A 45 29.89 -61.82 -90.09
C THR A 45 29.44 -63.25 -90.31
N LEU A 46 30.41 -64.15 -90.50
CA LEU A 46 30.09 -65.55 -90.70
C LEU A 46 29.52 -66.14 -89.42
N GLY A 47 29.92 -65.58 -88.29
CA GLY A 47 29.56 -66.12 -86.99
C GLY A 47 28.32 -65.52 -86.35
N GLY A 48 27.80 -64.43 -86.92
CA GLY A 48 26.57 -63.85 -86.41
C GLY A 48 26.66 -62.39 -86.02
N HIS A 49 27.76 -62.00 -85.39
CA HIS A 49 27.97 -60.61 -85.01
C HIS A 49 27.67 -59.70 -86.19
N ARG A 50 27.11 -58.53 -85.91
CA ARG A 50 26.71 -57.62 -86.98
C ARG A 50 27.79 -56.61 -87.30
N ARG A 51 27.69 -56.02 -88.49
CA ARG A 51 28.53 -54.89 -88.87
C ARG A 51 27.64 -53.88 -89.58
N TYR A 52 27.87 -52.60 -89.31
CA TYR A 52 27.00 -51.55 -89.84
C TYR A 52 27.79 -50.62 -90.75
N ARG A 53 27.13 -50.17 -91.82
CA ARG A 53 27.79 -49.35 -92.85
C ARG A 53 28.25 -48.00 -92.32
N GLU A 54 29.57 -47.83 -92.24
CA GLU A 54 30.18 -46.64 -91.67
C GLU A 54 29.69 -45.35 -92.31
N ALA A 55 29.28 -45.43 -93.58
CA ALA A 55 28.85 -44.25 -94.31
C ALA A 55 27.35 -43.99 -94.17
N GLU A 56 26.65 -44.97 -93.60
CA GLU A 56 25.23 -44.83 -93.32
C GLU A 56 25.08 -44.24 -91.93
N VAL A 57 25.93 -44.71 -91.02
CA VAL A 57 25.99 -44.22 -89.65
C VAL A 57 26.27 -42.71 -89.62
N ARG A 58 27.37 -42.31 -90.22
CA ARG A 58 27.79 -40.90 -90.20
C ARG A 58 26.74 -40.00 -90.83
N ALA A 59 26.04 -40.50 -91.84
CA ALA A 59 24.96 -39.77 -92.46
C ALA A 59 23.84 -39.53 -91.45
N LEU A 60 23.86 -40.30 -90.36
CA LEU A 60 22.81 -40.22 -89.34
C LEU A 60 23.19 -39.30 -88.19
N LEU A 61 24.42 -39.40 -87.70
CA LEU A 61 24.88 -38.50 -86.65
C LEU A 61 24.63 -37.06 -87.09
N ALA A 62 24.78 -36.80 -88.38
CA ALA A 62 24.45 -35.51 -88.94
C ALA A 62 22.95 -35.35 -88.98
N GLY A 63 22.26 -36.40 -89.41
CA GLY A 63 20.81 -36.44 -89.36
C GLY A 63 20.11 -36.31 -90.71
N ILE A 64 20.46 -37.19 -91.65
CA ILE A 64 19.85 -37.17 -92.97
C ILE A 64 19.20 -38.51 -93.31
N PRO A 65 17.87 -38.60 -93.13
CA PRO A 65 17.12 -39.82 -93.43
C PRO A 65 17.05 -40.11 -94.92
N ALA B 11 34.54 -38.99 -84.05
CA ALA B 11 33.77 -39.53 -82.94
C ALA B 11 33.74 -38.58 -81.75
N GLU B 12 33.01 -37.49 -81.89
CA GLU B 12 32.89 -36.50 -80.83
C GLU B 12 32.61 -37.15 -79.48
N PRO B 13 33.28 -36.66 -78.42
CA PRO B 13 32.97 -37.12 -77.06
C PRO B 13 31.60 -36.61 -76.68
N LEU B 14 30.66 -37.51 -76.42
CA LEU B 14 29.28 -37.11 -76.20
C LEU B 14 28.78 -37.25 -74.77
N LEU B 15 27.81 -36.40 -74.41
CA LEU B 15 27.23 -36.39 -73.08
C LEU B 15 25.72 -36.57 -73.13
N THR B 16 25.18 -37.33 -72.18
CA THR B 16 23.74 -37.53 -72.07
C THR B 16 23.15 -36.39 -71.26
N PRO B 17 21.83 -36.17 -71.41
CA PRO B 17 21.22 -35.04 -70.74
C PRO B 17 21.45 -35.14 -69.23
N ALA B 18 21.26 -36.33 -68.68
CA ALA B 18 21.50 -36.53 -67.26
C ALA B 18 22.90 -36.07 -66.87
N GLU B 19 23.87 -36.32 -67.74
CA GLU B 19 25.26 -35.96 -67.49
C GLU B 19 25.48 -34.45 -67.53
N VAL B 20 24.95 -33.80 -68.55
CA VAL B 20 25.01 -32.35 -68.63
C VAL B 20 24.35 -31.76 -67.40
N ALA B 21 23.09 -32.10 -67.20
CA ALA B 21 22.34 -31.64 -66.05
C ALA B 21 23.20 -31.69 -64.79
N THR B 22 23.72 -32.87 -64.48
CA THR B 22 24.52 -33.08 -63.27
C THR B 22 25.69 -32.10 -63.16
N MET B 23 26.23 -31.69 -64.31
CA MET B 23 27.36 -30.77 -64.32
C MET B 23 26.93 -29.35 -63.94
N PHE B 24 25.73 -28.97 -64.30
CA PHE B 24 25.19 -27.64 -64.01
C PHE B 24 24.29 -27.63 -62.79
N ARG B 25 24.19 -28.75 -62.09
CA ARG B 25 23.27 -28.88 -60.98
C ARG B 25 21.90 -28.43 -61.47
N VAL B 26 21.34 -29.21 -62.39
CA VAL B 26 20.08 -28.86 -63.03
C VAL B 26 19.27 -30.13 -63.34
N ASP B 27 17.98 -29.96 -63.58
CA ASP B 27 17.11 -31.07 -63.96
C ASP B 27 17.20 -31.27 -65.47
N PRO B 28 17.52 -32.50 -65.90
CA PRO B 28 17.63 -32.84 -67.33
C PRO B 28 16.49 -32.24 -68.14
N LYS B 29 15.30 -32.26 -67.58
CA LYS B 29 14.13 -31.73 -68.25
C LYS B 29 14.39 -30.28 -68.67
N THR B 30 15.38 -29.65 -68.04
CA THR B 30 15.71 -28.26 -68.31
C THR B 30 16.78 -28.15 -69.39
N VAL B 31 17.74 -29.07 -69.37
CA VAL B 31 18.80 -29.07 -70.37
C VAL B 31 18.19 -29.19 -71.75
N THR B 32 17.06 -29.90 -71.82
CA THR B 32 16.32 -30.05 -73.07
C THR B 32 15.80 -28.70 -73.53
N ARG B 33 15.30 -27.90 -72.59
CA ARG B 33 14.84 -26.56 -72.92
C ARG B 33 15.99 -25.70 -73.43
N TRP B 34 17.18 -25.94 -72.91
CA TRP B 34 18.38 -25.25 -73.39
C TRP B 34 18.59 -25.54 -74.86
N ALA B 35 18.53 -26.81 -75.23
CA ALA B 35 18.75 -27.25 -76.61
C ALA B 35 17.56 -26.90 -77.49
N LYS B 36 16.36 -27.15 -76.97
CA LYS B 36 15.13 -26.84 -77.71
C LYS B 36 15.04 -25.34 -77.95
N ALA B 37 15.86 -24.57 -77.24
CA ALA B 37 15.88 -23.12 -77.39
C ALA B 37 17.08 -22.66 -78.22
N GLY B 38 18.12 -23.49 -78.25
CA GLY B 38 19.25 -23.24 -79.13
C GLY B 38 20.55 -22.86 -78.44
N LYS B 39 20.59 -22.98 -77.12
CA LYS B 39 21.78 -22.65 -76.36
C LYS B 39 22.76 -23.83 -76.36
N LEU B 40 22.46 -24.85 -77.16
CA LEU B 40 23.24 -26.08 -77.12
C LEU B 40 23.06 -26.91 -78.39
N THR B 41 24.08 -27.68 -78.74
CA THR B 41 24.01 -28.55 -79.91
C THR B 41 23.49 -29.93 -79.53
N SER B 42 22.38 -30.31 -80.14
CA SER B 42 21.77 -31.60 -79.88
C SER B 42 22.10 -32.60 -80.99
N ILE B 43 22.30 -33.85 -80.60
CA ILE B 43 22.53 -34.93 -81.55
C ILE B 43 21.59 -36.08 -81.24
N ARG B 44 20.51 -36.18 -82.01
CA ARG B 44 19.45 -37.13 -81.73
C ARG B 44 19.88 -38.58 -82.01
N THR B 45 19.65 -39.45 -81.02
CA THR B 45 19.81 -40.88 -81.23
C THR B 45 18.67 -41.34 -82.12
N LEU B 46 18.81 -42.52 -82.72
CA LEU B 46 17.79 -43.05 -83.62
C LEU B 46 16.45 -43.16 -82.89
N GLY B 47 16.52 -43.34 -81.58
CA GLY B 47 15.32 -43.47 -80.78
C GLY B 47 14.60 -42.14 -80.61
N GLY B 48 15.37 -41.10 -80.30
CA GLY B 48 14.79 -39.78 -80.12
C GLY B 48 15.55 -38.92 -79.13
N HIS B 49 16.20 -39.56 -78.17
CA HIS B 49 16.92 -38.85 -77.11
C HIS B 49 18.03 -37.99 -77.69
N ARG B 50 18.37 -36.93 -76.97
CA ARG B 50 19.41 -36.02 -77.43
C ARG B 50 20.75 -36.40 -76.81
N ARG B 51 21.83 -36.02 -77.48
CA ARG B 51 23.17 -36.18 -76.94
C ARG B 51 23.89 -34.86 -77.14
N TYR B 52 24.85 -34.56 -76.28
CA TYR B 52 25.48 -33.24 -76.28
C TYR B 52 27.00 -33.30 -76.40
N ARG B 53 27.56 -32.33 -77.13
CA ARG B 53 28.99 -32.27 -77.40
C ARG B 53 29.78 -31.92 -76.14
N GLU B 54 30.58 -32.85 -75.64
CA GLU B 54 31.31 -32.62 -74.39
C GLU B 54 32.14 -31.35 -74.43
N ALA B 55 32.90 -31.16 -75.51
CA ALA B 55 33.69 -29.96 -75.69
C ALA B 55 32.82 -28.74 -75.42
N GLU B 56 31.69 -28.66 -76.12
CA GLU B 56 30.76 -27.54 -76.02
C GLU B 56 30.32 -27.29 -74.59
N VAL B 57 29.81 -28.34 -73.95
CA VAL B 57 29.40 -28.26 -72.56
C VAL B 57 30.57 -27.85 -71.66
N ARG B 58 31.65 -28.63 -71.69
CA ARG B 58 32.83 -28.37 -70.87
C ARG B 58 33.26 -26.91 -70.98
N ALA B 59 32.98 -26.30 -72.13
CA ALA B 59 33.32 -24.91 -72.38
C ALA B 59 32.37 -23.96 -71.64
N LEU B 60 31.08 -24.07 -71.93
CA LEU B 60 30.07 -23.19 -71.33
C LEU B 60 30.16 -23.14 -69.81
N LEU B 61 30.83 -24.12 -69.20
CA LEU B 61 31.05 -24.10 -67.76
C LEU B 61 31.97 -22.97 -67.34
N ALA B 62 33.02 -22.75 -68.12
CA ALA B 62 33.97 -21.67 -67.84
C ALA B 62 33.41 -20.31 -68.25
N GLY B 63 32.24 -20.32 -68.86
CA GLY B 63 31.62 -19.09 -69.34
C GLY B 63 32.17 -18.67 -70.69
N ILE B 64 31.93 -19.49 -71.70
CA ILE B 64 32.50 -19.26 -73.04
C ILE B 64 31.45 -19.40 -74.14
N PRO B 65 30.73 -18.30 -74.42
CA PRO B 65 29.72 -18.27 -75.48
C PRO B 65 30.35 -18.29 -76.87
N GLU C 12 33.19 -31.01 -60.32
CA GLU C 12 32.87 -29.87 -59.47
C GLU C 12 31.46 -29.99 -58.92
N PRO C 13 31.32 -30.58 -57.72
CA PRO C 13 29.99 -30.67 -57.10
C PRO C 13 29.41 -29.27 -56.96
N LEU C 14 28.14 -29.10 -57.31
CA LEU C 14 27.57 -27.75 -57.34
C LEU C 14 26.41 -27.52 -56.38
N LEU C 15 26.31 -26.29 -55.88
CA LEU C 15 25.24 -25.89 -54.98
C LEU C 15 24.38 -24.79 -55.59
N THR C 16 23.09 -24.83 -55.29
CA THR C 16 22.15 -23.81 -55.75
C THR C 16 22.16 -22.68 -54.75
N PRO C 17 21.69 -21.49 -55.16
CA PRO C 17 21.64 -20.37 -54.20
C PRO C 17 20.79 -20.71 -52.98
N ALA C 18 19.65 -21.36 -53.20
CA ALA C 18 18.80 -21.79 -52.10
C ALA C 18 19.54 -22.73 -51.17
N GLU C 19 20.51 -23.46 -51.73
CA GLU C 19 21.31 -24.39 -50.95
C GLU C 19 22.35 -23.65 -50.13
N VAL C 20 23.18 -22.86 -50.80
CA VAL C 20 24.18 -22.03 -50.13
C VAL C 20 23.53 -21.28 -48.98
N ALA C 21 22.33 -20.78 -49.24
CA ALA C 21 21.60 -19.95 -48.27
C ALA C 21 21.24 -20.70 -46.99
N THR C 22 20.57 -21.84 -47.13
CA THR C 22 20.13 -22.59 -45.96
C THR C 22 21.31 -22.98 -45.08
N MET C 23 22.49 -23.04 -45.69
CA MET C 23 23.69 -23.43 -44.98
C MET C 23 24.18 -22.36 -44.01
N PHE C 24 24.19 -21.10 -44.48
CA PHE C 24 24.59 -19.97 -43.65
C PHE C 24 23.41 -19.38 -42.88
N ARG C 25 22.23 -19.93 -43.08
CA ARG C 25 21.01 -19.38 -42.50
C ARG C 25 20.88 -17.96 -43.01
N VAL C 26 20.68 -17.83 -44.31
CA VAL C 26 20.67 -16.53 -44.96
C VAL C 26 19.68 -16.57 -46.13
N ASP C 27 19.47 -15.43 -46.79
CA ASP C 27 18.52 -15.33 -47.90
C ASP C 27 19.23 -15.52 -49.23
N PRO C 28 18.62 -16.32 -50.14
CA PRO C 28 19.07 -16.52 -51.52
C PRO C 28 19.60 -15.24 -52.15
N LYS C 29 18.92 -14.13 -51.88
CA LYS C 29 19.37 -12.84 -52.39
C LYS C 29 20.74 -12.47 -51.83
N THR C 30 20.96 -12.71 -50.54
CA THR C 30 22.23 -12.36 -49.91
C THR C 30 23.39 -13.12 -50.55
N VAL C 31 23.21 -14.42 -50.73
CA VAL C 31 24.23 -15.25 -51.37
C VAL C 31 24.61 -14.63 -52.70
N THR C 32 23.61 -14.11 -53.41
CA THR C 32 23.84 -13.40 -54.65
C THR C 32 24.75 -12.19 -54.40
N ARG C 33 24.36 -11.34 -53.46
CA ARG C 33 25.15 -10.17 -53.11
C ARG C 33 26.58 -10.56 -52.78
N TRP C 34 26.72 -11.75 -52.19
CA TRP C 34 28.04 -12.30 -51.88
C TRP C 34 28.81 -12.63 -53.14
N ALA C 35 28.13 -13.23 -54.11
CA ALA C 35 28.74 -13.60 -55.38
C ALA C 35 29.28 -12.37 -56.11
N LYS C 36 28.44 -11.34 -56.21
CA LYS C 36 28.81 -10.11 -56.91
C LYS C 36 29.94 -9.39 -56.19
N ALA C 37 30.04 -9.63 -54.88
CA ALA C 37 31.13 -9.05 -54.10
C ALA C 37 32.39 -9.92 -54.19
N GLY C 38 32.34 -10.91 -55.08
CA GLY C 38 33.49 -11.76 -55.32
C GLY C 38 33.91 -12.60 -54.14
N LYS C 39 33.07 -12.68 -53.13
CA LYS C 39 33.34 -13.51 -51.97
C LYS C 39 33.02 -14.98 -52.26
N LEU C 40 32.63 -15.24 -53.50
CA LEU C 40 32.18 -16.58 -53.88
C LEU C 40 32.30 -16.78 -55.38
N THR C 41 32.91 -17.88 -55.80
CA THR C 41 33.01 -18.20 -57.21
C THR C 41 31.66 -18.69 -57.71
N SER C 42 31.00 -17.86 -58.50
CA SER C 42 29.72 -18.25 -59.07
C SER C 42 29.97 -18.94 -60.40
N ILE C 43 29.06 -19.82 -60.78
CA ILE C 43 29.10 -20.46 -62.08
C ILE C 43 27.70 -20.45 -62.68
N ARG C 44 27.55 -19.77 -63.81
CA ARG C 44 26.24 -19.46 -64.36
C ARG C 44 25.68 -20.56 -65.25
N THR C 45 24.41 -20.88 -65.05
CA THR C 45 23.70 -21.76 -65.96
C THR C 45 23.57 -21.04 -67.29
N LEU C 46 22.98 -21.72 -68.27
CA LEU C 46 22.84 -21.13 -69.59
C LEU C 46 21.59 -20.26 -69.64
N GLY C 47 20.99 -20.05 -68.47
CA GLY C 47 19.75 -19.30 -68.36
C GLY C 47 19.89 -18.00 -67.57
N GLY C 48 20.77 -18.01 -66.58
CA GLY C 48 20.99 -16.83 -65.75
C GLY C 48 21.31 -17.14 -64.30
N HIS C 49 20.68 -18.19 -63.78
CA HIS C 49 20.88 -18.57 -62.39
C HIS C 49 22.32 -18.97 -62.12
N ARG C 50 22.78 -18.74 -60.90
CA ARG C 50 24.15 -19.03 -60.52
C ARG C 50 24.22 -20.29 -59.69
N ARG C 51 25.31 -21.03 -59.83
CA ARG C 51 25.58 -22.17 -58.97
C ARG C 51 26.88 -21.88 -58.22
N TYR C 52 27.08 -22.55 -57.09
CA TYR C 52 28.25 -22.27 -56.26
C TYR C 52 29.03 -23.55 -55.91
N ARG C 53 30.35 -23.47 -56.01
CA ARG C 53 31.22 -24.62 -55.76
C ARG C 53 31.16 -25.03 -54.29
N GLU C 54 30.62 -26.21 -54.03
CA GLU C 54 30.49 -26.72 -52.67
C GLU C 54 31.79 -26.69 -51.89
N ALA C 55 32.87 -27.09 -52.56
CA ALA C 55 34.20 -27.04 -51.94
C ALA C 55 34.43 -25.67 -51.32
N GLU C 56 34.20 -24.62 -52.11
CA GLU C 56 34.37 -23.25 -51.66
C GLU C 56 33.48 -22.92 -50.46
N VAL C 57 32.20 -23.30 -50.54
CA VAL C 57 31.22 -22.95 -49.52
C VAL C 57 31.46 -23.66 -48.19
N ARG C 58 31.55 -24.99 -48.23
CA ARG C 58 31.79 -25.77 -47.01
C ARG C 58 33.02 -25.21 -46.30
N ALA C 59 33.97 -24.72 -47.08
CA ALA C 59 35.25 -24.24 -46.56
C ALA C 59 35.10 -22.94 -45.77
N LEU C 60 34.09 -22.15 -46.11
CA LEU C 60 33.85 -20.89 -45.42
C LEU C 60 33.15 -21.09 -44.09
N LEU C 61 32.17 -22.01 -44.06
CA LEU C 61 31.48 -22.33 -42.82
C LEU C 61 32.46 -22.79 -41.74
N ALA C 62 33.57 -23.39 -42.19
CA ALA C 62 34.61 -23.81 -41.26
C ALA C 62 35.37 -22.60 -40.75
N GLY C 63 35.94 -21.83 -41.68
CA GLY C 63 36.64 -20.60 -41.33
C GLY C 63 37.98 -20.44 -42.03
N ILE C 64 38.07 -20.88 -43.29
CA ILE C 64 39.31 -20.76 -44.04
C ILE C 64 39.07 -20.20 -45.45
N PRO C 65 39.45 -18.93 -45.67
CA PRO C 65 39.30 -18.29 -46.98
C PRO C 65 40.30 -18.83 -47.99
N GLU D 12 23.45 -28.71 -40.73
CA GLU D 12 23.60 -27.97 -39.49
C GLU D 12 22.58 -26.83 -39.40
N PRO D 13 21.44 -27.09 -38.75
CA PRO D 13 20.37 -26.10 -38.58
C PRO D 13 20.82 -24.95 -37.67
N LEU D 14 20.85 -23.75 -38.22
CA LEU D 14 21.40 -22.61 -37.51
C LEU D 14 20.35 -21.58 -37.07
N LEU D 15 20.70 -20.80 -36.06
CA LEU D 15 19.84 -19.75 -35.54
C LEU D 15 20.50 -18.38 -35.69
N THR D 16 19.69 -17.37 -35.99
CA THR D 16 20.17 -16.00 -36.04
C THR D 16 20.27 -15.48 -34.62
N PRO D 17 21.10 -14.44 -34.39
CA PRO D 17 21.31 -13.95 -33.03
C PRO D 17 20.01 -13.54 -32.37
N ALA D 18 19.10 -12.95 -33.14
CA ALA D 18 17.79 -12.56 -32.61
C ALA D 18 17.04 -13.80 -32.12
N GLU D 19 17.11 -14.87 -32.90
CA GLU D 19 16.43 -16.11 -32.56
C GLU D 19 16.87 -16.65 -31.21
N VAL D 20 18.19 -16.75 -31.02
CA VAL D 20 18.72 -17.16 -29.72
C VAL D 20 18.12 -16.26 -28.66
N ALA D 21 18.35 -14.96 -28.81
CA ALA D 21 17.85 -13.96 -27.89
C ALA D 21 16.40 -14.20 -27.50
N THR D 22 15.55 -14.42 -28.50
CA THR D 22 14.13 -14.60 -28.25
C THR D 22 13.86 -15.86 -27.43
N MET D 23 14.81 -16.80 -27.48
CA MET D 23 14.65 -18.06 -26.75
C MET D 23 15.02 -17.92 -25.28
N PHE D 24 16.07 -17.15 -24.99
CA PHE D 24 16.55 -16.96 -23.63
C PHE D 24 15.95 -15.73 -22.98
N ARG D 25 15.02 -15.08 -23.68
CA ARG D 25 14.46 -13.82 -23.19
C ARG D 25 15.62 -12.89 -22.87
N VAL D 26 16.39 -12.55 -23.90
CA VAL D 26 17.60 -11.76 -23.75
C VAL D 26 17.81 -10.87 -24.98
N ASP D 27 18.44 -9.71 -24.79
CA ASP D 27 18.75 -8.83 -25.92
C ASP D 27 19.91 -9.39 -26.73
N PRO D 28 19.77 -9.43 -28.06
CA PRO D 28 20.79 -9.97 -28.98
C PRO D 28 22.19 -9.48 -28.67
N LYS D 29 22.30 -8.27 -28.15
CA LYS D 29 23.60 -7.70 -27.82
C LYS D 29 24.27 -8.57 -26.76
N THR D 30 23.46 -9.25 -25.97
CA THR D 30 23.96 -10.13 -24.92
C THR D 30 24.37 -11.47 -25.51
N VAL D 31 23.56 -11.98 -26.43
CA VAL D 31 23.90 -13.21 -27.13
C VAL D 31 25.22 -13.01 -27.86
N THR D 32 25.38 -11.85 -28.46
CA THR D 32 26.63 -11.49 -29.12
C THR D 32 27.74 -11.41 -28.08
N ARG D 33 27.44 -10.71 -26.99
CA ARG D 33 28.38 -10.59 -25.88
C ARG D 33 28.83 -11.97 -25.38
N TRP D 34 27.96 -12.96 -25.51
CA TRP D 34 28.28 -14.32 -25.10
C TRP D 34 29.25 -14.99 -26.06
N ALA D 35 28.87 -15.02 -27.33
CA ALA D 35 29.73 -15.62 -28.35
C ALA D 35 31.11 -14.98 -28.29
N LYS D 36 31.15 -13.73 -27.82
CA LYS D 36 32.40 -13.00 -27.69
C LYS D 36 33.11 -13.41 -26.41
N ALA D 37 32.33 -13.73 -25.38
CA ALA D 37 32.87 -14.25 -24.13
C ALA D 37 33.15 -15.74 -24.27
N GLY D 38 32.94 -16.27 -25.47
CA GLY D 38 33.29 -17.64 -25.80
C GLY D 38 32.36 -18.71 -25.27
N LYS D 39 31.25 -18.30 -24.66
CA LYS D 39 30.30 -19.25 -24.07
C LYS D 39 29.44 -19.92 -25.13
N LEU D 40 29.75 -19.70 -26.40
CA LEU D 40 28.89 -20.16 -27.49
C LEU D 40 29.60 -20.22 -28.84
N THR D 41 29.39 -21.30 -29.58
CA THR D 41 29.99 -21.46 -30.90
C THR D 41 29.37 -20.49 -31.89
N SER D 42 30.21 -19.65 -32.49
CA SER D 42 29.71 -18.68 -33.45
C SER D 42 30.08 -19.09 -34.86
N ILE D 43 29.19 -18.81 -35.81
CA ILE D 43 29.47 -19.05 -37.22
C ILE D 43 29.19 -17.79 -38.02
N ARG D 44 30.24 -17.02 -38.30
CA ARG D 44 30.11 -15.79 -39.05
C ARG D 44 29.73 -16.03 -40.51
N THR D 45 28.82 -15.21 -41.02
CA THR D 45 28.50 -15.20 -42.43
C THR D 45 29.60 -14.44 -43.14
N LEU D 46 29.54 -14.39 -44.46
CA LEU D 46 30.59 -13.72 -45.24
C LEU D 46 30.71 -12.24 -44.88
N GLY D 47 29.63 -11.69 -44.34
CA GLY D 47 29.61 -10.28 -43.97
C GLY D 47 30.13 -10.02 -42.58
N GLY D 48 29.94 -10.98 -41.69
CA GLY D 48 30.41 -10.85 -40.32
C GLY D 48 29.37 -11.19 -39.29
N HIS D 49 28.10 -11.17 -39.68
CA HIS D 49 27.01 -11.45 -38.75
C HIS D 49 27.11 -12.88 -38.20
N ARG D 50 26.89 -13.00 -36.89
CA ARG D 50 26.99 -14.29 -36.22
C ARG D 50 25.76 -15.15 -36.45
N ARG D 51 25.99 -16.46 -36.53
CA ARG D 51 24.91 -17.44 -36.60
C ARG D 51 25.24 -18.53 -35.59
N TYR D 52 24.22 -19.21 -35.09
CA TYR D 52 24.42 -20.18 -34.01
C TYR D 52 23.80 -21.53 -34.33
N ARG D 53 24.39 -22.59 -33.76
CA ARG D 53 23.93 -23.95 -33.99
C ARG D 53 22.75 -24.28 -33.08
N GLU D 54 21.60 -24.53 -33.69
CA GLU D 54 20.37 -24.76 -32.92
C GLU D 54 20.58 -25.75 -31.78
N ALA D 55 21.07 -26.94 -32.11
CA ALA D 55 21.31 -27.98 -31.12
C ALA D 55 21.98 -27.42 -29.87
N GLU D 56 23.03 -26.63 -30.07
CA GLU D 56 23.79 -26.09 -28.96
C GLU D 56 22.90 -25.19 -28.09
N VAL D 57 22.13 -24.32 -28.72
CA VAL D 57 21.22 -23.46 -27.99
C VAL D 57 20.22 -24.28 -27.18
N ARG D 58 19.61 -25.27 -27.83
CA ARG D 58 18.59 -26.10 -27.19
C ARG D 58 19.13 -26.75 -25.93
N ALA D 59 20.36 -27.25 -26.01
CA ALA D 59 21.01 -27.89 -24.88
C ALA D 59 21.12 -26.94 -23.69
N LEU D 60 21.69 -25.77 -23.94
CA LEU D 60 21.92 -24.80 -22.88
C LEU D 60 20.63 -24.38 -22.20
N LEU D 61 19.52 -24.46 -22.94
CA LEU D 61 18.21 -24.16 -22.36
C LEU D 61 17.83 -25.23 -21.35
N ALA D 62 18.02 -26.48 -21.72
CA ALA D 62 17.79 -27.59 -20.81
C ALA D 62 18.65 -27.41 -19.56
N GLY D 63 19.93 -27.12 -19.78
CA GLY D 63 20.86 -26.93 -18.68
C GLY D 63 22.11 -27.78 -18.88
N ILE D 64 22.47 -28.00 -20.14
CA ILE D 64 23.58 -28.88 -20.47
C ILE D 64 24.79 -28.11 -20.98
N PRO D 65 25.79 -27.91 -20.11
CA PRO D 65 27.02 -27.20 -20.48
C PRO D 65 27.77 -27.96 -21.58
N GLN D 66 28.47 -27.24 -22.45
CA GLN D 66 29.17 -27.87 -23.56
C GLN D 66 30.45 -27.11 -23.92
N GLU E 12 -3.18 -6.42 -14.29
CA GLU E 12 -3.73 -6.75 -12.98
C GLU E 12 -2.84 -6.19 -11.86
N PRO E 13 -3.05 -4.91 -11.50
CA PRO E 13 -2.35 -4.25 -10.39
C PRO E 13 -2.98 -4.59 -9.04
N LEU E 14 -2.15 -4.90 -8.04
CA LEU E 14 -2.65 -5.35 -6.74
C LEU E 14 -2.16 -4.49 -5.59
N LEU E 15 -2.61 -4.85 -4.38
CA LEU E 15 -2.22 -4.16 -3.15
C LEU E 15 -2.02 -5.15 -2.02
N THR E 16 -0.86 -5.09 -1.37
CA THR E 16 -0.59 -5.91 -0.19
C THR E 16 -1.50 -5.49 0.96
N PRO E 17 -1.88 -6.45 1.81
CA PRO E 17 -2.86 -6.17 2.87
C PRO E 17 -2.49 -4.94 3.69
N ALA E 18 -1.19 -4.72 3.87
CA ALA E 18 -0.73 -3.53 4.57
C ALA E 18 -1.36 -2.30 3.96
N GLU E 19 -1.04 -2.07 2.68
CA GLU E 19 -1.58 -0.94 1.94
C GLU E 19 -3.10 -0.88 2.00
N VAL E 20 -3.75 -2.01 1.68
CA VAL E 20 -5.20 -2.07 1.64
C VAL E 20 -5.84 -1.59 2.94
N ALA E 21 -5.19 -1.89 4.06
CA ALA E 21 -5.71 -1.55 5.36
C ALA E 21 -5.38 -0.11 5.76
N THR E 22 -4.36 0.46 5.14
CA THR E 22 -3.94 1.82 5.46
C THR E 22 -4.89 2.81 4.79
N MET E 23 -5.69 2.31 3.86
CA MET E 23 -6.64 3.15 3.14
C MET E 23 -8.00 3.15 3.83
N PHE E 24 -8.18 2.21 4.75
CA PHE E 24 -9.46 2.02 5.42
C PHE E 24 -9.37 2.33 6.90
N ARG E 25 -8.16 2.66 7.36
CA ARG E 25 -7.91 2.87 8.77
C ARG E 25 -8.28 1.59 9.50
N VAL E 26 -7.77 0.48 9.01
CA VAL E 26 -8.12 -0.84 9.53
C VAL E 26 -6.87 -1.72 9.66
N ASP E 27 -6.98 -2.80 10.43
CA ASP E 27 -5.87 -3.73 10.66
C ASP E 27 -5.81 -4.76 9.53
N PRO E 28 -4.59 -5.16 9.14
CA PRO E 28 -4.39 -6.21 8.13
C PRO E 28 -5.15 -7.48 8.47
N LYS E 29 -5.56 -7.62 9.73
CA LYS E 29 -6.39 -8.74 10.15
C LYS E 29 -7.79 -8.62 9.55
N THR E 30 -8.37 -7.43 9.65
CA THR E 30 -9.73 -7.19 9.20
C THR E 30 -9.86 -7.35 7.69
N VAL E 31 -8.85 -6.92 6.95
CA VAL E 31 -8.82 -7.15 5.51
C VAL E 31 -8.91 -8.64 5.25
N THR E 32 -8.04 -9.40 5.93
CA THR E 32 -8.02 -10.85 5.81
C THR E 32 -9.37 -11.45 6.21
N ARG E 33 -10.14 -10.73 7.01
CA ARG E 33 -11.50 -11.16 7.32
C ARG E 33 -12.40 -10.93 6.12
N TRP E 34 -12.36 -9.74 5.55
CA TRP E 34 -13.21 -9.37 4.42
C TRP E 34 -13.00 -10.28 3.23
N ALA E 35 -11.74 -10.64 2.96
CA ALA E 35 -11.42 -11.57 1.90
C ALA E 35 -11.96 -12.96 2.23
N LYS E 36 -11.63 -13.44 3.42
CA LYS E 36 -12.08 -14.75 3.88
C LYS E 36 -13.60 -14.79 4.02
N ALA E 37 -14.22 -13.62 4.16
CA ALA E 37 -15.67 -13.53 4.27
C ALA E 37 -16.33 -13.40 2.91
N GLY E 38 -15.61 -12.79 1.97
CA GLY E 38 -16.11 -12.66 0.61
C GLY E 38 -16.69 -11.29 0.31
N LYS E 39 -15.89 -10.25 0.58
CA LYS E 39 -16.24 -8.89 0.20
C LYS E 39 -15.07 -8.29 -0.59
N LEU E 40 -14.08 -9.14 -0.88
CA LEU E 40 -12.89 -8.68 -1.56
C LEU E 40 -12.22 -9.81 -2.33
N THR E 41 -11.95 -9.56 -3.61
CA THR E 41 -11.25 -10.53 -4.45
C THR E 41 -9.80 -10.65 -3.99
N SER E 42 -9.40 -11.86 -3.62
CA SER E 42 -8.04 -12.07 -3.12
C SER E 42 -7.22 -12.91 -4.09
N ILE E 43 -5.92 -12.67 -4.09
CA ILE E 43 -4.98 -13.39 -4.96
C ILE E 43 -3.76 -13.82 -4.16
N ARG E 44 -3.66 -15.12 -3.89
CA ARG E 44 -2.57 -15.63 -3.05
C ARG E 44 -1.26 -15.76 -3.81
N THR E 45 -0.16 -15.68 -3.06
CA THR E 45 1.17 -15.86 -3.61
C THR E 45 1.61 -17.29 -3.34
N LEU E 46 2.73 -17.68 -3.93
CA LEU E 46 3.27 -19.02 -3.73
C LEU E 46 3.49 -19.29 -2.24
N GLY E 47 3.70 -18.22 -1.49
CA GLY E 47 3.92 -18.33 -0.06
C GLY E 47 2.62 -18.40 0.72
N GLY E 48 1.57 -17.78 0.18
CA GLY E 48 0.27 -17.83 0.81
C GLY E 48 -0.30 -16.47 1.13
N HIS E 49 0.56 -15.46 1.19
CA HIS E 49 0.10 -14.11 1.51
C HIS E 49 -0.88 -13.61 0.46
N ARG E 50 -2.04 -13.14 0.92
CA ARG E 50 -3.05 -12.59 0.02
C ARG E 50 -2.58 -11.30 -0.63
N ARG E 51 -3.31 -10.87 -1.66
CA ARG E 51 -3.02 -9.63 -2.35
C ARG E 51 -4.26 -9.28 -3.16
N TYR E 52 -4.63 -8.01 -3.17
CA TYR E 52 -5.96 -7.63 -3.62
C TYR E 52 -5.99 -6.74 -4.85
N ARG E 53 -7.04 -6.93 -5.67
CA ARG E 53 -7.24 -6.13 -6.86
C ARG E 53 -7.20 -4.64 -6.52
N GLU E 54 -6.28 -3.91 -7.15
CA GLU E 54 -6.08 -2.49 -6.86
C GLU E 54 -7.39 -1.70 -6.90
N ALA E 55 -7.98 -1.60 -8.09
CA ALA E 55 -9.21 -0.84 -8.26
C ALA E 55 -10.33 -1.32 -7.34
N GLU E 56 -10.47 -2.64 -7.24
CA GLU E 56 -11.45 -3.27 -6.36
C GLU E 56 -11.68 -2.44 -5.11
N VAL E 57 -10.59 -1.98 -4.51
CA VAL E 57 -10.64 -1.25 -3.25
C VAL E 57 -11.18 0.17 -3.44
N ARG E 58 -10.43 0.98 -4.18
CA ARG E 58 -10.79 2.38 -4.39
C ARG E 58 -12.26 2.53 -4.76
N ALA E 59 -12.76 1.56 -5.53
CA ALA E 59 -14.16 1.52 -5.88
C ALA E 59 -15.00 1.50 -4.60
N LEU E 60 -14.70 0.53 -3.73
CA LEU E 60 -15.43 0.37 -2.47
C LEU E 60 -15.18 1.54 -1.50
N LEU E 61 -14.30 2.46 -1.89
CA LEU E 61 -14.03 3.62 -1.06
C LEU E 61 -15.08 4.70 -1.23
N ALA E 62 -15.72 4.73 -2.40
CA ALA E 62 -16.76 5.72 -2.68
C ALA E 62 -18.16 5.16 -2.43
N GLY E 63 -18.28 3.84 -2.45
CA GLY E 63 -19.57 3.19 -2.28
C GLY E 63 -20.07 2.63 -3.59
N ILE E 64 -19.30 1.71 -4.16
CA ILE E 64 -19.61 1.14 -5.47
C ILE E 64 -19.24 -0.34 -5.51
N PRO E 65 -20.06 -1.20 -4.89
CA PRO E 65 -19.82 -2.64 -4.80
C PRO E 65 -20.05 -3.34 -6.14
N GLU F 12 -5.98 9.50 1.09
CA GLU F 12 -6.35 10.42 2.16
C GLU F 12 -6.21 9.77 3.53
N PRO F 13 -5.59 10.48 4.49
CA PRO F 13 -5.44 10.04 5.88
C PRO F 13 -6.79 10.00 6.60
N LEU F 14 -6.91 9.13 7.59
CA LEU F 14 -8.21 8.92 8.25
C LEU F 14 -8.12 8.82 9.77
N LEU F 15 -9.26 9.00 10.42
CA LEU F 15 -9.36 8.86 11.86
C LEU F 15 -10.57 7.99 12.19
N THR F 16 -10.46 7.24 13.28
CA THR F 16 -11.61 6.48 13.77
C THR F 16 -12.51 7.41 14.56
N PRO F 17 -13.82 7.09 14.62
CA PRO F 17 -14.75 7.96 15.33
C PRO F 17 -14.29 8.24 16.76
N ALA F 18 -13.74 7.22 17.42
CA ALA F 18 -13.16 7.41 18.74
C ALA F 18 -12.12 8.53 18.70
N GLU F 19 -11.19 8.42 17.75
CA GLU F 19 -10.13 9.42 17.59
C GLU F 19 -10.70 10.83 17.43
N VAL F 20 -11.67 10.99 16.55
CA VAL F 20 -12.31 12.29 16.35
C VAL F 20 -12.90 12.79 17.66
N ALA F 21 -13.58 11.89 18.37
CA ALA F 21 -14.17 12.22 19.65
C ALA F 21 -13.13 12.83 20.61
N THR F 22 -12.04 12.10 20.82
CA THR F 22 -10.97 12.55 21.71
C THR F 22 -10.52 13.96 21.36
N MET F 23 -10.44 14.24 20.06
CA MET F 23 -9.97 15.54 19.58
C MET F 23 -10.94 16.66 19.94
N PHE F 24 -12.23 16.40 19.81
CA PHE F 24 -13.24 17.40 20.10
C PHE F 24 -13.71 17.38 21.55
N ARG F 25 -13.19 16.43 22.34
CA ARG F 25 -13.67 16.27 23.70
C ARG F 25 -15.17 16.15 23.62
N VAL F 26 -15.61 15.09 22.95
CA VAL F 26 -17.00 14.86 22.65
C VAL F 26 -17.22 13.36 22.50
N ASP F 27 -18.43 12.88 22.73
CA ASP F 27 -18.67 11.44 22.66
C ASP F 27 -18.63 10.94 21.22
N PRO F 28 -17.99 9.78 21.00
CA PRO F 28 -17.96 9.13 19.69
C PRO F 28 -19.37 9.02 19.12
N LYS F 29 -20.33 8.80 19.99
CA LYS F 29 -21.73 8.77 19.62
C LYS F 29 -22.07 10.06 18.88
N THR F 30 -21.62 11.18 19.44
CA THR F 30 -21.91 12.50 18.88
C THR F 30 -21.24 12.69 17.52
N VAL F 31 -19.99 12.26 17.40
CA VAL F 31 -19.29 12.35 16.13
C VAL F 31 -20.11 11.68 15.04
N THR F 32 -20.77 10.57 15.42
CA THR F 32 -21.58 9.82 14.47
C THR F 32 -22.90 10.52 14.17
N ARG F 33 -23.40 11.30 15.13
CA ARG F 33 -24.57 12.13 14.86
C ARG F 33 -24.19 13.22 13.86
N TRP F 34 -23.05 13.85 14.09
CA TRP F 34 -22.51 14.83 13.15
C TRP F 34 -22.47 14.23 11.75
N ALA F 35 -22.00 12.99 11.66
CA ALA F 35 -21.86 12.31 10.38
C ALA F 35 -23.20 12.22 9.66
N LYS F 36 -24.17 11.57 10.30
CA LYS F 36 -25.49 11.39 9.72
C LYS F 36 -26.12 12.70 9.28
N ALA F 37 -25.62 13.81 9.83
CA ALA F 37 -26.19 15.13 9.55
C ALA F 37 -25.32 15.95 8.61
N GLY F 38 -24.41 15.29 7.91
CA GLY F 38 -23.61 15.92 6.88
C GLY F 38 -22.65 17.01 7.35
N LYS F 39 -22.61 17.26 8.66
CA LYS F 39 -21.68 18.25 9.20
C LYS F 39 -20.24 17.79 8.99
N LEU F 40 -20.09 16.56 8.50
CA LEU F 40 -18.78 15.92 8.41
C LEU F 40 -18.82 14.78 7.39
N THR F 41 -17.76 14.63 6.61
CA THR F 41 -17.70 13.55 5.63
C THR F 41 -17.34 12.24 6.29
N SER F 42 -18.12 11.20 6.01
CA SER F 42 -17.82 9.87 6.50
C SER F 42 -17.25 9.02 5.37
N ILE F 43 -16.58 7.94 5.73
CA ILE F 43 -16.10 6.96 4.78
C ILE F 43 -16.32 5.59 5.38
N ARG F 44 -16.67 4.61 4.56
CA ARG F 44 -17.17 3.35 5.09
C ARG F 44 -16.20 2.18 4.97
N THR F 45 -16.06 1.44 6.07
CA THR F 45 -15.37 0.17 6.04
C THR F 45 -16.35 -0.87 5.53
N LEU F 46 -15.83 -1.97 4.97
CA LEU F 46 -16.69 -2.98 4.41
C LEU F 46 -17.51 -3.71 5.49
N GLY F 47 -17.47 -3.16 6.70
CA GLY F 47 -18.23 -3.71 7.81
C GLY F 47 -19.21 -2.71 8.38
N GLY F 48 -19.12 -1.47 7.90
CA GLY F 48 -20.06 -0.44 8.30
C GLY F 48 -19.46 0.72 9.08
N HIS F 49 -18.25 0.53 9.58
CA HIS F 49 -17.64 1.53 10.46
C HIS F 49 -17.19 2.78 9.70
N ARG F 50 -17.59 3.94 10.22
CA ARG F 50 -17.21 5.22 9.62
C ARG F 50 -15.78 5.60 9.97
N ARG F 51 -15.06 6.13 8.98
CA ARG F 51 -13.73 6.67 9.19
C ARG F 51 -13.72 8.08 8.60
N TYR F 52 -13.12 9.03 9.30
CA TYR F 52 -13.24 10.43 8.93
C TYR F 52 -11.92 11.05 8.47
N ARG F 53 -11.98 11.87 7.42
CA ARG F 53 -10.77 12.44 6.83
C ARG F 53 -10.06 13.41 7.75
N GLU F 54 -8.85 13.03 8.18
CA GLU F 54 -8.06 13.86 9.08
C GLU F 54 -8.04 15.31 8.63
N ALA F 55 -7.84 15.51 7.33
CA ALA F 55 -7.75 16.84 6.76
C ALA F 55 -8.81 17.80 7.28
N GLU F 56 -10.08 17.38 7.21
CA GLU F 56 -11.19 18.29 7.53
C GLU F 56 -11.45 18.45 9.03
N VAL F 57 -11.35 17.37 9.79
CA VAL F 57 -11.53 17.49 11.23
C VAL F 57 -10.50 18.46 11.79
N ARG F 58 -9.25 18.33 11.33
CA ARG F 58 -8.18 19.19 11.81
C ARG F 58 -8.48 20.64 11.49
N ALA F 59 -9.21 20.86 10.40
CA ALA F 59 -9.57 22.20 9.96
C ALA F 59 -10.73 22.73 10.76
N LEU F 60 -11.59 21.82 11.21
CA LEU F 60 -12.78 22.21 11.96
C LEU F 60 -12.45 22.62 13.39
N LEU F 61 -11.50 21.91 14.02
CA LEU F 61 -10.96 22.38 15.29
C LEU F 61 -10.56 23.84 15.12
N ALA F 62 -9.74 24.09 14.12
CA ALA F 62 -9.25 25.42 13.80
C ALA F 62 -10.39 26.43 13.66
N GLY F 63 -11.50 26.00 13.07
CA GLY F 63 -12.65 26.86 12.91
C GLY F 63 -12.90 27.23 11.47
N ILE F 64 -12.71 26.24 10.58
CA ILE F 64 -12.84 26.46 9.14
C ILE F 64 -13.82 25.44 8.54
N PRO F 65 -15.02 25.90 8.19
CA PRO F 65 -16.07 25.01 7.70
C PRO F 65 -15.71 24.37 6.37
N PRO G 9 5.84 -21.19 -32.39
CA PRO G 9 6.95 -22.06 -32.78
C PRO G 9 7.39 -22.94 -31.62
N ASP G 10 8.42 -23.75 -31.83
CA ASP G 10 8.99 -24.54 -30.76
C ASP G 10 9.80 -23.61 -29.86
N ALA G 11 9.09 -22.92 -28.96
CA ALA G 11 9.73 -21.92 -28.12
C ALA G 11 8.87 -21.59 -26.90
N GLU G 12 9.44 -21.74 -25.71
CA GLU G 12 8.76 -21.37 -24.48
C GLU G 12 8.86 -19.88 -24.21
N PRO G 13 7.72 -19.18 -24.23
CA PRO G 13 7.71 -17.74 -23.92
C PRO G 13 8.11 -17.54 -22.46
N LEU G 14 9.16 -16.76 -22.24
CA LEU G 14 9.74 -16.61 -20.90
C LEU G 14 9.47 -15.26 -20.24
N LEU G 15 9.61 -15.23 -18.93
CA LEU G 15 9.48 -14.01 -18.15
C LEU G 15 10.75 -13.80 -17.31
N THR G 16 11.08 -12.54 -17.08
CA THR G 16 12.21 -12.20 -16.20
C THR G 16 11.70 -12.01 -14.79
N PRO G 17 12.56 -12.23 -13.80
CA PRO G 17 12.12 -12.15 -12.39
C PRO G 17 11.37 -10.87 -12.12
N ALA G 18 11.90 -9.74 -12.61
CA ALA G 18 11.23 -8.46 -12.46
C ALA G 18 9.76 -8.56 -12.85
N GLU G 19 9.52 -9.08 -14.06
CA GLU G 19 8.16 -9.19 -14.59
C GLU G 19 7.25 -10.10 -13.76
N VAL G 20 7.75 -11.29 -13.42
CA VAL G 20 6.98 -12.20 -12.58
C VAL G 20 6.65 -11.50 -11.28
N ALA G 21 7.66 -10.86 -10.70
CA ALA G 21 7.50 -10.13 -9.46
C ALA G 21 6.35 -9.14 -9.53
N THR G 22 6.32 -8.36 -10.60
CA THR G 22 5.28 -7.36 -10.78
C THR G 22 3.90 -7.99 -10.72
N MET G 23 3.76 -9.15 -11.34
CA MET G 23 2.48 -9.83 -11.43
C MET G 23 1.95 -10.22 -10.06
N PHE G 24 2.84 -10.67 -9.18
CA PHE G 24 2.46 -11.13 -7.83
C PHE G 24 2.58 -10.03 -6.78
N ARG G 25 2.97 -8.84 -7.20
CA ARG G 25 3.17 -7.74 -6.27
C ARG G 25 4.18 -8.19 -5.24
N VAL G 26 5.33 -8.62 -5.73
CA VAL G 26 6.36 -9.25 -4.88
C VAL G 26 7.78 -8.89 -5.33
N ASP G 27 8.72 -8.94 -4.40
CA ASP G 27 10.11 -8.58 -4.71
C ASP G 27 10.78 -9.71 -5.47
N PRO G 28 11.48 -9.38 -6.57
CA PRO G 28 12.27 -10.34 -7.34
C PRO G 28 12.93 -11.37 -6.44
N LYS G 29 13.66 -10.89 -5.44
CA LYS G 29 14.38 -11.77 -4.51
C LYS G 29 13.48 -12.85 -3.92
N THR G 30 12.18 -12.58 -3.87
CA THR G 30 11.22 -13.54 -3.34
C THR G 30 10.85 -14.58 -4.39
N VAL G 31 10.63 -14.13 -5.61
CA VAL G 31 10.40 -15.04 -6.73
C VAL G 31 11.66 -15.88 -6.92
N THR G 32 12.81 -15.22 -6.85
CA THR G 32 14.11 -15.88 -6.98
C THR G 32 14.28 -16.96 -5.92
N ARG G 33 13.47 -16.92 -4.87
CA ARG G 33 13.52 -17.96 -3.85
C ARG G 33 12.40 -18.98 -4.04
N TRP G 34 11.34 -18.57 -4.72
CA TRP G 34 10.31 -19.50 -5.16
C TRP G 34 10.94 -20.50 -6.12
N ALA G 35 11.99 -20.05 -6.81
CA ALA G 35 12.71 -20.89 -7.76
C ALA G 35 13.51 -21.96 -7.04
N LYS G 36 14.36 -21.54 -6.12
CA LYS G 36 15.17 -22.47 -5.34
C LYS G 36 14.33 -23.28 -4.37
N ALA G 37 13.01 -23.11 -4.45
CA ALA G 37 12.09 -23.86 -3.61
C ALA G 37 11.26 -24.84 -4.46
N GLY G 38 11.50 -24.84 -5.76
CA GLY G 38 10.83 -25.77 -6.65
C GLY G 38 9.34 -25.49 -6.77
N LYS G 39 8.93 -24.27 -6.41
CA LYS G 39 7.56 -23.85 -6.59
C LYS G 39 7.39 -23.32 -8.00
N LEU G 40 8.50 -23.21 -8.73
CA LEU G 40 8.51 -22.66 -10.07
C LEU G 40 9.69 -23.19 -10.89
N THR G 41 9.60 -23.04 -12.22
CA THR G 41 10.63 -23.54 -13.10
C THR G 41 11.62 -22.46 -13.53
N SER G 42 12.89 -22.70 -13.24
CA SER G 42 13.94 -21.74 -13.55
C SER G 42 14.70 -22.10 -14.83
N ILE G 43 14.89 -21.10 -15.69
CA ILE G 43 15.72 -21.26 -16.88
C ILE G 43 16.89 -20.30 -16.82
N ARG G 44 18.10 -20.84 -16.70
CA ARG G 44 19.29 -20.02 -16.54
C ARG G 44 19.80 -19.49 -17.88
N THR G 45 19.97 -18.17 -17.97
CA THR G 45 20.71 -17.58 -19.08
C THR G 45 22.16 -17.98 -18.94
N LEU G 46 22.90 -18.00 -20.06
CA LEU G 46 24.29 -18.46 -20.02
C LEU G 46 25.11 -17.74 -18.94
N GLY G 47 24.60 -16.60 -18.48
CA GLY G 47 25.31 -15.77 -17.53
C GLY G 47 24.95 -16.06 -16.09
N GLY G 48 23.71 -16.48 -15.85
CA GLY G 48 23.30 -16.86 -14.52
C GLY G 48 21.87 -16.50 -14.14
N HIS G 49 21.28 -15.58 -14.89
CA HIS G 49 19.94 -15.09 -14.57
C HIS G 49 18.85 -16.13 -14.86
N ARG G 50 17.81 -16.10 -14.05
CA ARG G 50 16.69 -17.02 -14.19
C ARG G 50 15.61 -16.41 -15.06
N ARG G 51 14.98 -17.24 -15.88
CA ARG G 51 13.81 -16.85 -16.66
C ARG G 51 12.71 -17.85 -16.37
N TYR G 52 11.46 -17.41 -16.44
CA TYR G 52 10.36 -18.25 -15.99
C TYR G 52 9.30 -18.42 -17.07
N ARG G 53 8.73 -19.62 -17.16
CA ARG G 53 7.73 -19.92 -18.18
C ARG G 53 6.47 -19.08 -17.99
N GLU G 54 6.22 -18.16 -18.92
CA GLU G 54 5.03 -17.34 -18.87
C GLU G 54 3.79 -18.18 -18.63
N ALA G 55 3.79 -19.39 -19.20
CA ALA G 55 2.69 -20.31 -19.05
C ALA G 55 2.49 -20.68 -17.59
N GLU G 56 3.55 -21.21 -16.99
CA GLU G 56 3.51 -21.66 -15.60
C GLU G 56 3.01 -20.53 -14.71
N VAL G 57 3.55 -19.33 -14.94
CA VAL G 57 3.21 -18.17 -14.14
C VAL G 57 1.71 -17.85 -14.18
N ARG G 58 1.20 -17.49 -15.36
CA ARG G 58 -0.19 -17.09 -15.53
C ARG G 58 -1.14 -18.06 -14.83
N ALA G 59 -0.79 -19.34 -14.86
CA ALA G 59 -1.61 -20.36 -14.24
C ALA G 59 -1.82 -20.07 -12.76
N LEU G 60 -0.73 -20.02 -12.02
CA LEU G 60 -0.77 -19.91 -10.56
C LEU G 60 -1.56 -18.71 -10.04
N LEU G 61 -1.69 -17.67 -10.86
CA LEU G 61 -2.43 -16.47 -10.46
C LEU G 61 -3.94 -16.73 -10.37
N ALA G 62 -4.36 -17.86 -10.92
CA ALA G 62 -5.77 -18.24 -10.90
C ALA G 62 -6.05 -19.32 -9.86
N GLY G 63 -4.98 -19.85 -9.27
CA GLY G 63 -5.11 -20.88 -8.25
C GLY G 63 -5.17 -22.28 -8.84
N ILE G 64 -4.18 -22.62 -9.65
CA ILE G 64 -4.16 -23.89 -10.35
C ILE G 64 -2.77 -24.52 -10.34
N PRO G 65 -2.48 -25.33 -9.31
CA PRO G 65 -1.17 -25.96 -9.13
C PRO G 65 -0.76 -26.82 -10.32
N GLU H 12 -3.39 18.19 22.30
CA GLU H 12 -4.14 19.02 23.23
C GLU H 12 -5.24 18.24 23.95
N PRO H 13 -5.30 18.37 25.28
CA PRO H 13 -6.40 17.87 26.12
C PRO H 13 -7.40 18.98 26.42
N LEU H 14 -8.70 18.72 26.28
CA LEU H 14 -9.71 19.76 26.38
C LEU H 14 -10.61 19.67 27.62
N LEU H 15 -11.37 20.74 27.86
CA LEU H 15 -12.28 20.82 29.00
C LEU H 15 -13.66 21.29 28.57
N THR H 16 -14.68 20.78 29.24
CA THR H 16 -16.06 21.23 29.03
C THR H 16 -16.34 22.41 29.95
N PRO H 17 -17.22 23.33 29.51
CA PRO H 17 -17.50 24.52 30.32
C PRO H 17 -18.01 24.16 31.71
N ALA H 18 -18.53 22.95 31.85
CA ALA H 18 -18.94 22.44 33.15
C ALA H 18 -17.73 22.33 34.08
N GLU H 19 -16.65 21.76 33.54
CA GLU H 19 -15.42 21.53 34.30
C GLU H 19 -14.66 22.83 34.57
N VAL H 20 -14.59 23.71 33.58
CA VAL H 20 -13.87 24.96 33.75
C VAL H 20 -14.48 25.77 34.88
N ALA H 21 -15.81 25.74 34.97
CA ALA H 21 -16.52 26.47 36.00
C ALA H 21 -16.33 25.85 37.39
N THR H 22 -16.40 24.53 37.44
CA THR H 22 -16.22 23.80 38.70
C THR H 22 -14.88 24.09 39.36
N MET H 23 -13.84 24.27 38.55
CA MET H 23 -12.49 24.51 39.06
C MET H 23 -12.35 25.88 39.68
N PHE H 24 -13.04 26.86 39.12
CA PHE H 24 -12.99 28.24 39.60
C PHE H 24 -14.09 28.52 40.62
N ARG H 25 -15.05 27.61 40.71
CA ARG H 25 -16.22 27.82 41.55
C ARG H 25 -17.01 28.96 40.94
N VAL H 26 -17.54 28.72 39.73
CA VAL H 26 -18.27 29.74 38.97
C VAL H 26 -19.36 29.06 38.13
N ASP H 27 -20.29 29.85 37.60
CA ASP H 27 -21.36 29.30 36.77
C ASP H 27 -20.89 29.16 35.32
N PRO H 28 -21.24 28.03 34.68
CA PRO H 28 -20.90 27.77 33.28
C PRO H 28 -21.41 28.87 32.36
N LYS H 29 -22.46 29.55 32.79
CA LYS H 29 -22.99 30.70 32.05
C LYS H 29 -22.03 31.88 32.13
N THR H 30 -21.01 31.75 32.97
CA THR H 30 -20.02 32.80 33.18
C THR H 30 -18.69 32.47 32.51
N VAL H 31 -18.30 31.19 32.56
CA VAL H 31 -17.13 30.72 31.83
C VAL H 31 -17.30 31.11 30.37
N THR H 32 -18.54 31.03 29.89
CA THR H 32 -18.86 31.41 28.52
C THR H 32 -18.64 32.91 28.29
N ARG H 33 -19.11 33.73 29.23
CA ARG H 33 -18.94 35.18 29.12
C ARG H 33 -17.46 35.52 29.10
N TRP H 34 -16.65 34.65 29.71
CA TRP H 34 -15.21 34.82 29.75
C TRP H 34 -14.62 34.70 28.34
N ALA H 35 -14.95 33.61 27.66
CA ALA H 35 -14.47 33.40 26.30
C ALA H 35 -14.97 34.48 25.36
N LYS H 36 -16.22 34.89 25.53
CA LYS H 36 -16.80 35.93 24.69
C LYS H 36 -16.10 37.27 24.90
N ALA H 37 -15.38 37.39 26.02
CA ALA H 37 -14.63 38.61 26.31
C ALA H 37 -13.15 38.41 26.03
N GLY H 38 -12.79 37.21 25.60
CA GLY H 38 -11.44 36.93 25.14
C GLY H 38 -10.49 36.38 26.19
N LYS H 39 -10.94 36.32 27.43
CA LYS H 39 -10.08 35.88 28.53
C LYS H 39 -9.72 34.40 28.46
N LEU H 40 -10.18 33.72 27.41
CA LEU H 40 -10.00 32.26 27.33
C LEU H 40 -10.14 31.74 25.89
N THR H 41 -9.30 30.77 25.55
CA THR H 41 -9.33 30.15 24.23
C THR H 41 -10.50 29.19 24.12
N SER H 42 -11.34 29.41 23.12
CA SER H 42 -12.50 28.56 22.89
C SER H 42 -12.28 27.64 21.69
N ILE H 43 -12.87 26.47 21.74
CA ILE H 43 -12.89 25.56 20.60
C ILE H 43 -14.28 25.00 20.43
N ARG H 44 -14.99 25.50 19.42
CA ARG H 44 -16.36 25.06 19.16
C ARG H 44 -16.44 23.63 18.65
N THR H 45 -17.44 22.91 19.13
CA THR H 45 -17.80 21.63 18.57
C THR H 45 -18.65 21.91 17.33
N LEU H 46 -18.87 20.90 16.50
CA LEU H 46 -19.64 21.08 15.29
C LEU H 46 -21.07 21.52 15.59
N GLY H 47 -21.44 21.50 16.86
CA GLY H 47 -22.79 21.84 17.27
C GLY H 47 -22.94 23.24 17.82
N GLY H 48 -21.87 23.79 18.38
CA GLY H 48 -21.90 25.14 18.91
C GLY H 48 -21.25 25.23 20.29
N HIS H 49 -21.38 24.15 21.06
CA HIS H 49 -20.82 24.10 22.40
C HIS H 49 -19.35 24.47 22.36
N ARG H 50 -18.88 25.12 23.42
CA ARG H 50 -17.49 25.52 23.53
C ARG H 50 -16.64 24.45 24.21
N ARG H 51 -15.33 24.64 24.19
CA ARG H 51 -14.43 23.71 24.85
C ARG H 51 -13.10 24.40 25.08
N TYR H 52 -12.39 24.02 26.14
CA TYR H 52 -11.23 24.79 26.58
C TYR H 52 -9.96 23.95 26.71
N ARG H 53 -8.81 24.62 26.70
CA ARG H 53 -7.52 23.96 26.77
C ARG H 53 -7.07 23.80 28.21
N GLU H 54 -6.95 22.56 28.66
CA GLU H 54 -6.64 22.27 30.07
C GLU H 54 -5.44 23.06 30.58
N ALA H 55 -4.35 23.04 29.82
CA ALA H 55 -3.17 23.80 30.17
C ALA H 55 -3.54 25.25 30.47
N GLU H 56 -4.02 25.94 29.45
CA GLU H 56 -4.39 27.36 29.56
C GLU H 56 -5.18 27.65 30.84
N VAL H 57 -6.14 26.80 31.16
CA VAL H 57 -7.01 27.01 32.31
C VAL H 57 -6.27 26.83 33.62
N ARG H 58 -5.57 25.70 33.76
CA ARG H 58 -4.84 25.42 34.98
C ARG H 58 -3.71 26.43 35.20
N ALA H 59 -3.41 27.20 34.17
CA ALA H 59 -2.39 28.23 34.26
C ALA H 59 -2.96 29.49 34.90
N LEU H 60 -4.26 29.70 34.73
CA LEU H 60 -4.91 30.88 35.28
C LEU H 60 -5.35 30.72 36.72
N LEU H 61 -5.43 29.47 37.17
CA LEU H 61 -5.71 29.20 38.59
C LEU H 61 -4.51 29.64 39.43
N ALA H 62 -3.33 29.19 39.05
CA ALA H 62 -2.10 29.61 39.73
C ALA H 62 -1.83 31.09 39.48
N GLY H 63 -2.59 31.67 38.55
CA GLY H 63 -2.50 33.10 38.28
C GLY H 63 -1.32 33.47 37.42
N ILE H 64 -1.03 32.64 36.42
CA ILE H 64 0.10 32.87 35.53
C ILE H 64 -0.39 33.34 34.16
N PRO H 65 -0.66 34.64 34.03
CA PRO H 65 -1.23 35.21 32.81
C PRO H 65 -0.23 35.23 31.66
N GLU I 12 -8.98 21.28 43.19
CA GLU I 12 -9.24 21.87 44.50
C GLU I 12 -10.70 22.32 44.61
N PRO I 13 -11.27 22.22 45.82
CA PRO I 13 -12.64 22.64 46.12
C PRO I 13 -12.69 24.03 46.76
N LEU I 14 -13.35 24.97 46.09
CA LEU I 14 -13.34 26.37 46.51
C LEU I 14 -14.63 26.84 47.14
N LEU I 15 -14.52 27.85 48.00
CA LEU I 15 -15.68 28.51 48.58
C LEU I 15 -15.73 29.94 48.08
N THR I 16 -16.94 30.44 47.87
CA THR I 16 -17.13 31.86 47.55
C THR I 16 -17.03 32.63 48.86
N PRO I 17 -16.66 33.91 48.80
CA PRO I 17 -16.58 34.68 50.04
C PRO I 17 -17.88 34.62 50.87
N ALA I 18 -19.02 34.67 50.19
CA ALA I 18 -20.31 34.56 50.86
C ALA I 18 -20.36 33.33 51.77
N GLU I 19 -19.98 32.19 51.21
CA GLU I 19 -19.96 30.93 51.93
C GLU I 19 -18.99 30.97 53.11
N VAL I 20 -17.78 31.45 52.88
CA VAL I 20 -16.79 31.58 53.94
C VAL I 20 -17.30 32.47 55.06
N ALA I 21 -17.71 33.67 54.70
CA ALA I 21 -18.23 34.62 55.67
C ALA I 21 -19.29 33.99 56.57
N THR I 22 -20.06 33.07 56.01
CA THR I 22 -21.15 32.43 56.74
C THR I 22 -20.63 31.52 57.85
N MET I 23 -19.71 30.62 57.50
CA MET I 23 -19.17 29.67 58.46
C MET I 23 -18.49 30.36 59.63
N PHE I 24 -18.09 31.62 59.43
CA PHE I 24 -17.44 32.40 60.47
C PHE I 24 -18.38 33.43 61.07
N ARG I 25 -19.60 33.50 60.53
CA ARG I 25 -20.56 34.49 61.00
C ARG I 25 -19.93 35.88 60.93
N VAL I 26 -19.30 36.15 59.79
CA VAL I 26 -18.62 37.43 59.56
C VAL I 26 -19.05 37.97 58.19
N ASP I 27 -18.62 39.18 57.85
CA ASP I 27 -19.01 39.81 56.60
C ASP I 27 -17.96 39.60 55.51
N PRO I 28 -18.40 39.34 54.27
CA PRO I 28 -17.50 39.16 53.12
C PRO I 28 -16.38 40.20 53.09
N LYS I 29 -16.71 41.47 53.31
CA LYS I 29 -15.70 42.52 53.30
C LYS I 29 -14.61 42.25 54.32
N THR I 30 -14.90 41.41 55.31
CA THR I 30 -13.91 41.00 56.29
C THR I 30 -13.06 39.84 55.78
N VAL I 31 -13.70 38.81 55.26
CA VAL I 31 -12.97 37.69 54.69
C VAL I 31 -11.97 38.24 53.68
N THR I 32 -12.35 39.33 53.01
CA THR I 32 -11.46 39.98 52.06
C THR I 32 -10.28 40.56 52.83
N ARG I 33 -10.55 41.49 53.74
CA ARG I 33 -9.50 42.05 54.58
C ARG I 33 -8.70 40.94 55.26
N TRP I 34 -9.36 39.82 55.52
CA TRP I 34 -8.70 38.66 56.13
C TRP I 34 -7.70 38.09 55.14
N ALA I 35 -8.11 38.02 53.88
CA ALA I 35 -7.31 37.39 52.83
C ALA I 35 -6.17 38.28 52.36
N LYS I 36 -6.47 39.53 52.05
CA LYS I 36 -5.44 40.45 51.61
C LYS I 36 -4.48 40.79 52.75
N ALA I 37 -4.85 40.39 53.96
CA ALA I 37 -3.96 40.54 55.10
C ALA I 37 -3.13 39.26 55.27
N GLY I 38 -3.28 38.35 54.31
CA GLY I 38 -2.44 37.17 54.26
C GLY I 38 -2.74 36.04 55.24
N LYS I 39 -3.95 36.02 55.78
CA LYS I 39 -4.33 34.97 56.73
C LYS I 39 -5.11 33.87 56.02
N LEU I 40 -5.33 34.06 54.73
CA LEU I 40 -6.22 33.19 53.97
C LEU I 40 -5.76 33.04 52.52
N THR I 41 -5.21 31.88 52.17
CA THR I 41 -4.78 31.63 50.81
C THR I 41 -5.93 31.83 49.83
N SER I 42 -5.73 32.70 48.84
CA SER I 42 -6.80 33.02 47.91
C SER I 42 -6.46 32.69 46.46
N ILE I 43 -7.49 32.30 45.71
CA ILE I 43 -7.40 32.12 44.28
C ILE I 43 -8.19 33.27 43.68
N ARG I 44 -7.96 33.57 42.41
CA ARG I 44 -8.73 34.65 41.77
C ARG I 44 -9.45 34.19 40.52
N THR I 45 -10.70 34.61 40.42
CA THR I 45 -11.52 34.34 39.25
C THR I 45 -11.05 35.30 38.15
N LEU I 46 -11.20 34.88 36.89
CA LEU I 46 -10.79 35.71 35.76
C LEU I 46 -11.43 37.09 35.83
N GLY I 47 -12.51 37.20 36.60
CA GLY I 47 -13.20 38.47 36.79
C GLY I 47 -12.66 39.24 37.98
N GLY I 48 -11.67 38.66 38.65
CA GLY I 48 -11.02 39.32 39.76
C GLY I 48 -11.71 39.10 41.09
N HIS I 49 -12.59 38.11 41.14
CA HIS I 49 -13.26 37.77 42.39
C HIS I 49 -12.54 36.65 43.10
N ARG I 50 -12.47 36.73 44.42
CA ARG I 50 -11.69 35.77 45.21
C ARG I 50 -12.41 34.44 45.39
N ARG I 51 -11.64 33.43 45.79
CA ARG I 51 -12.16 32.11 46.08
C ARG I 51 -11.19 31.49 47.06
N TYR I 52 -11.70 30.72 48.02
CA TYR I 52 -10.83 30.22 49.08
C TYR I 52 -10.80 28.71 49.13
N ARG I 53 -9.68 28.17 49.61
CA ARG I 53 -9.50 26.73 49.68
C ARG I 53 -10.26 26.12 50.87
N GLU I 54 -11.33 25.41 50.57
CA GLU I 54 -12.20 24.86 51.60
C GLU I 54 -11.40 24.16 52.70
N ALA I 55 -10.52 23.26 52.30
CA ALA I 55 -9.73 22.49 53.24
C ALA I 55 -9.13 23.36 54.35
N GLU I 56 -8.58 24.51 53.96
CA GLU I 56 -7.91 25.38 54.93
C GLU I 56 -8.88 26.25 55.71
N VAL I 57 -10.02 26.58 55.09
CA VAL I 57 -11.09 27.24 55.81
C VAL I 57 -11.56 26.33 56.94
N ARG I 58 -11.87 25.08 56.60
CA ARG I 58 -12.29 24.12 57.62
C ARG I 58 -11.22 23.98 58.69
N ALA I 59 -10.00 23.70 58.26
CA ALA I 59 -8.89 23.55 59.18
C ALA I 59 -8.82 24.72 60.16
N LEU I 60 -9.26 25.88 59.70
CA LEU I 60 -9.24 27.09 60.52
C LEU I 60 -10.33 27.07 61.60
N LEU I 61 -11.57 26.84 61.18
CA LEU I 61 -12.69 26.76 62.11
C LEU I 61 -12.40 25.74 63.21
N ALA I 62 -12.02 24.53 62.79
CA ALA I 62 -11.66 23.48 63.74
C ALA I 62 -10.46 23.89 64.57
N GLY I 63 -9.89 25.05 64.23
CA GLY I 63 -8.79 25.62 65.00
C GLY I 63 -7.50 24.82 64.94
N ILE I 64 -7.01 24.58 63.73
CA ILE I 64 -5.80 23.78 63.56
C ILE I 64 -4.69 24.54 62.82
N PRO I 65 -4.04 25.48 63.52
CA PRO I 65 -2.93 26.24 62.93
C PRO I 65 -1.68 25.37 62.78
N GLU J 12 -22.76 24.80 60.44
CA GLU J 12 -23.31 25.16 61.74
C GLU J 12 -23.62 26.65 61.80
N PRO J 13 -24.72 27.02 62.49
CA PRO J 13 -25.14 28.42 62.63
C PRO J 13 -24.56 29.05 63.89
N LEU J 14 -23.89 30.18 63.73
CA LEU J 14 -23.21 30.81 64.84
C LEU J 14 -23.92 32.07 65.33
N LEU J 15 -23.60 32.46 66.56
CA LEU J 15 -24.07 33.71 67.13
C LEU J 15 -22.89 34.50 67.61
N THR J 16 -22.92 35.81 67.39
CA THR J 16 -21.89 36.69 67.91
C THR J 16 -22.20 37.01 69.37
N PRO J 17 -21.17 37.29 70.17
CA PRO J 17 -21.40 37.53 71.60
C PRO J 17 -22.51 38.56 71.83
N ALA J 18 -22.54 39.61 71.02
CA ALA J 18 -23.59 40.62 71.12
C ALA J 18 -24.95 39.95 71.15
N GLU J 19 -25.09 38.86 70.40
CA GLU J 19 -26.37 38.16 70.28
C GLU J 19 -26.62 37.22 71.45
N VAL J 20 -25.62 36.40 71.76
CA VAL J 20 -25.72 35.48 72.88
C VAL J 20 -26.01 36.24 74.16
N ALA J 21 -25.46 37.45 74.27
CA ALA J 21 -25.68 38.31 75.42
C ALA J 21 -27.14 38.72 75.54
N THR J 22 -27.71 39.23 74.45
CA THR J 22 -29.09 39.68 74.44
C THR J 22 -30.08 38.55 74.76
N MET J 23 -29.63 37.31 74.61
CA MET J 23 -30.50 36.17 74.86
C MET J 23 -30.51 35.75 76.33
N PHE J 24 -29.70 36.44 77.13
CA PHE J 24 -29.65 36.17 78.57
C PHE J 24 -29.83 37.44 79.39
N ARG J 25 -30.06 38.57 78.73
CA ARG J 25 -30.06 39.85 79.41
C ARG J 25 -28.78 39.91 80.23
N VAL J 26 -27.65 39.79 79.54
CA VAL J 26 -26.34 39.79 80.16
C VAL J 26 -25.32 40.51 79.28
N ASP J 27 -24.37 41.19 79.91
CA ASP J 27 -23.35 41.92 79.15
C ASP J 27 -22.43 40.95 78.43
N PRO J 28 -22.13 41.22 77.15
CA PRO J 28 -21.20 40.44 76.34
C PRO J 28 -19.95 40.06 77.12
N LYS J 29 -19.37 41.02 77.83
CA LYS J 29 -18.13 40.80 78.56
C LYS J 29 -18.25 39.62 79.53
N THR J 30 -19.48 39.26 79.87
CA THR J 30 -19.74 38.11 80.74
C THR J 30 -19.87 36.85 79.89
N VAL J 31 -20.43 37.01 78.69
CA VAL J 31 -20.49 35.91 77.73
C VAL J 31 -19.08 35.40 77.49
N THR J 32 -18.13 36.32 77.50
CA THR J 32 -16.73 35.96 77.37
C THR J 32 -16.30 35.07 78.53
N ARG J 33 -16.45 35.55 79.76
CA ARG J 33 -16.07 34.78 80.94
C ARG J 33 -16.59 33.34 80.87
N TRP J 34 -17.84 33.19 80.48
CA TRP J 34 -18.44 31.87 80.33
C TRP J 34 -17.58 31.00 79.43
N ALA J 35 -17.19 31.54 78.27
CA ALA J 35 -16.38 30.80 77.31
C ALA J 35 -14.94 30.67 77.77
N LYS J 36 -14.51 31.60 78.62
CA LYS J 36 -13.15 31.63 79.14
C LYS J 36 -12.99 30.60 80.25
N ALA J 37 -14.11 30.16 80.81
CA ALA J 37 -14.10 29.14 81.84
C ALA J 37 -14.57 27.81 81.30
N GLY J 38 -14.88 27.79 80.00
CA GLY J 38 -15.29 26.58 79.33
C GLY J 38 -16.71 26.16 79.63
N LYS J 39 -17.59 27.14 79.83
CA LYS J 39 -19.01 26.88 80.06
C LYS J 39 -19.80 27.09 78.79
N LEU J 40 -19.11 27.44 77.71
CA LEU J 40 -19.75 27.74 76.44
C LEU J 40 -18.73 27.67 75.32
N THR J 41 -18.86 26.65 74.47
CA THR J 41 -17.92 26.45 73.35
C THR J 41 -17.77 27.70 72.50
N SER J 42 -16.53 28.06 72.20
CA SER J 42 -16.26 29.27 71.42
C SER J 42 -15.56 28.95 70.11
N ILE J 43 -15.74 29.83 69.13
CA ILE J 43 -15.12 29.69 67.83
C ILE J 43 -14.58 31.04 67.39
N ARG J 44 -13.25 31.14 67.37
CA ARG J 44 -12.60 32.41 67.05
C ARG J 44 -12.54 32.66 65.55
N THR J 45 -12.85 33.88 65.15
CA THR J 45 -12.58 34.32 63.79
C THR J 45 -11.09 34.53 63.69
N LEU J 46 -10.58 34.73 62.48
CA LEU J 46 -9.15 34.91 62.29
C LEU J 46 -8.60 36.09 63.10
N GLY J 47 -9.50 36.96 63.55
CA GLY J 47 -9.11 38.18 64.26
C GLY J 47 -9.10 38.08 65.76
N GLY J 48 -9.57 36.96 66.30
CA GLY J 48 -9.61 36.75 67.73
C GLY J 48 -11.03 36.76 68.29
N HIS J 49 -11.87 37.59 67.68
CA HIS J 49 -13.27 37.69 68.05
C HIS J 49 -13.93 36.31 68.11
N ARG J 50 -14.69 36.08 69.19
CA ARG J 50 -15.36 34.79 69.38
C ARG J 50 -16.67 34.67 68.60
N ARG J 51 -17.28 33.50 68.69
CA ARG J 51 -18.54 33.25 67.99
C ARG J 51 -19.11 31.91 68.45
N TYR J 52 -20.38 31.92 68.83
CA TYR J 52 -20.93 30.78 69.57
C TYR J 52 -21.96 30.01 68.76
N ARG J 53 -22.14 28.74 69.11
CA ARG J 53 -22.98 27.83 68.33
C ARG J 53 -24.46 27.95 68.71
N GLU J 54 -25.25 28.57 67.84
CA GLU J 54 -26.67 28.81 68.11
C GLU J 54 -27.33 27.60 68.75
N ALA J 55 -26.94 26.42 68.30
CA ALA J 55 -27.47 25.18 68.85
C ALA J 55 -27.24 25.13 70.36
N GLU J 56 -26.00 25.38 70.76
CA GLU J 56 -25.61 25.24 72.15
C GLU J 56 -26.33 26.21 73.07
N VAL J 57 -26.63 27.40 72.54
CA VAL J 57 -27.32 28.42 73.33
C VAL J 57 -28.78 28.06 73.57
N ARG J 58 -29.52 27.78 72.49
CA ARG J 58 -30.92 27.38 72.61
C ARG J 58 -31.11 26.27 73.63
N ALA J 59 -30.19 25.30 73.59
CA ALA J 59 -30.24 24.17 74.50
C ALA J 59 -29.98 24.59 75.93
N LEU J 60 -29.35 25.75 76.08
CA LEU J 60 -29.01 26.27 77.41
C LEU J 60 -30.10 27.16 77.98
N LEU J 61 -30.77 27.92 77.11
CA LEU J 61 -31.93 28.67 77.54
C LEU J 61 -33.01 27.71 78.05
N ALA J 62 -33.00 26.50 77.54
CA ALA J 62 -33.93 25.47 77.99
C ALA J 62 -33.44 24.87 79.30
N GLY J 63 -32.14 24.91 79.52
CA GLY J 63 -31.56 24.42 80.76
C GLY J 63 -31.10 22.98 80.69
N ILE J 64 -30.29 22.68 79.68
CA ILE J 64 -29.75 21.34 79.49
C ILE J 64 -28.22 21.37 79.51
N PRO J 65 -27.64 21.02 80.67
CA PRO J 65 -26.20 21.14 80.96
C PRO J 65 -25.31 20.53 79.87
N GLN J 66 -24.28 21.26 79.47
CA GLN J 66 -23.39 20.82 78.40
C GLN J 66 -21.97 21.31 78.63
N ASP K 10 -37.52 34.74 66.97
CA ASP K 10 -37.66 33.65 67.93
C ASP K 10 -36.78 33.91 69.14
N ALA K 11 -37.07 34.96 69.89
CA ALA K 11 -36.29 35.32 71.07
C ALA K 11 -37.17 35.83 72.20
N GLU K 12 -37.00 35.25 73.38
CA GLU K 12 -37.76 35.67 74.55
C GLU K 12 -37.11 36.84 75.24
N PRO K 13 -37.83 37.97 75.35
CA PRO K 13 -37.32 39.14 76.07
C PRO K 13 -37.36 38.88 77.58
N LEU K 14 -36.19 38.95 78.21
CA LEU K 14 -36.09 38.64 79.63
C LEU K 14 -35.91 39.90 80.46
N LEU K 15 -36.19 39.79 81.75
CA LEU K 15 -35.99 40.88 82.68
C LEU K 15 -35.04 40.44 83.78
N THR K 16 -34.16 41.32 84.21
CA THR K 16 -33.30 41.05 85.34
C THR K 16 -34.14 41.13 86.60
N PRO K 17 -33.77 40.35 87.63
CA PRO K 17 -34.61 40.32 88.83
C PRO K 17 -34.84 41.71 89.40
N ALA K 18 -33.78 42.49 89.55
CA ALA K 18 -33.90 43.84 90.07
C ALA K 18 -34.81 44.68 89.18
N GLU K 19 -34.83 44.34 87.89
CA GLU K 19 -35.67 45.03 86.95
C GLU K 19 -37.12 44.63 87.22
N VAL K 20 -37.34 43.37 87.56
CA VAL K 20 -38.67 42.86 87.87
C VAL K 20 -39.14 43.37 89.23
N ALA K 21 -38.24 43.33 90.21
CA ALA K 21 -38.53 43.83 91.54
C ALA K 21 -39.08 45.25 91.46
N THR K 22 -38.26 46.15 90.95
CA THR K 22 -38.64 47.55 90.78
C THR K 22 -40.03 47.74 90.19
N MET K 23 -40.47 46.76 89.40
CA MET K 23 -41.76 46.87 88.72
C MET K 23 -42.93 46.57 89.66
N PHE K 24 -42.61 46.04 90.83
CA PHE K 24 -43.61 45.71 91.83
C PHE K 24 -43.35 46.47 93.13
N ARG K 25 -42.37 47.37 93.09
CA ARG K 25 -41.95 48.06 94.30
C ARG K 25 -41.58 47.02 95.36
N VAL K 26 -41.14 45.86 94.88
CA VAL K 26 -40.77 44.74 95.74
C VAL K 26 -39.27 44.51 95.69
N ASP K 27 -38.74 43.78 96.66
CA ASP K 27 -37.30 43.54 96.72
C ASP K 27 -36.90 42.36 95.85
N PRO K 28 -35.72 42.44 95.23
CA PRO K 28 -35.17 41.34 94.42
C PRO K 28 -35.26 40.00 95.14
N LYS K 29 -34.74 39.94 96.36
CA LYS K 29 -34.73 38.69 97.12
C LYS K 29 -36.15 38.20 97.44
N THR K 30 -37.15 38.94 96.99
CA THR K 30 -38.54 38.53 97.15
C THR K 30 -39.07 38.01 95.82
N VAL K 31 -38.37 38.37 94.74
CA VAL K 31 -38.67 37.80 93.44
C VAL K 31 -38.22 36.34 93.46
N THR K 32 -37.04 36.11 94.01
CA THR K 32 -36.51 34.75 94.17
C THR K 32 -37.54 33.85 94.84
N ARG K 33 -38.15 34.34 95.92
CA ARG K 33 -39.23 33.61 96.57
C ARG K 33 -40.30 33.25 95.56
N TRP K 34 -40.84 34.28 94.91
CA TRP K 34 -41.88 34.09 93.90
C TRP K 34 -41.43 33.08 92.85
N ALA K 35 -40.11 32.97 92.67
CA ALA K 35 -39.55 32.03 91.71
C ALA K 35 -39.49 30.63 92.30
N LYS K 36 -38.81 30.49 93.44
CA LYS K 36 -38.68 29.19 94.09
C LYS K 36 -40.03 28.69 94.64
N ALA K 37 -41.07 29.46 94.38
CA ALA K 37 -42.43 29.06 94.70
C ALA K 37 -43.23 28.92 93.41
N GLY K 38 -42.62 29.34 92.30
CA GLY K 38 -43.15 29.08 90.99
C GLY K 38 -44.43 29.81 90.59
N LYS K 39 -44.57 31.05 91.01
CA LYS K 39 -45.66 31.88 90.50
C LYS K 39 -45.10 32.67 89.33
N LEU K 40 -43.81 32.46 89.07
CA LEU K 40 -43.10 33.19 88.04
C LEU K 40 -42.09 32.28 87.34
N THR K 41 -42.14 32.24 86.02
CA THR K 41 -41.22 31.43 85.23
C THR K 41 -39.80 32.01 85.27
N SER K 42 -38.82 31.15 85.48
CA SER K 42 -37.44 31.59 85.58
C SER K 42 -36.54 30.92 84.55
N ILE K 43 -35.55 31.67 84.06
CA ILE K 43 -34.51 31.15 83.19
C ILE K 43 -33.16 31.51 83.78
N ARG K 44 -32.31 30.51 83.97
CA ARG K 44 -31.03 30.72 84.62
C ARG K 44 -29.96 31.09 83.61
N THR K 45 -29.05 31.96 84.03
CA THR K 45 -27.86 32.25 83.26
C THR K 45 -26.86 31.15 83.53
N LEU K 46 -25.73 31.15 82.84
CA LEU K 46 -24.73 30.12 83.03
C LEU K 46 -24.12 30.21 84.43
N GLY K 47 -24.22 31.38 85.04
CA GLY K 47 -23.69 31.61 86.37
C GLY K 47 -24.59 31.06 87.46
N GLY K 48 -25.89 31.27 87.29
CA GLY K 48 -26.86 30.79 88.27
C GLY K 48 -27.97 31.80 88.44
N HIS K 49 -27.66 33.07 88.23
CA HIS K 49 -28.63 34.13 88.38
C HIS K 49 -29.79 33.93 87.43
N ARG K 50 -31.00 34.25 87.88
CA ARG K 50 -32.19 34.04 87.09
C ARG K 50 -32.46 35.24 86.21
N ARG K 51 -33.39 35.06 85.27
CA ARG K 51 -33.94 36.15 84.48
C ARG K 51 -35.38 35.75 84.25
N TYR K 52 -36.27 36.71 84.01
CA TYR K 52 -37.69 36.40 83.94
C TYR K 52 -38.33 36.83 82.62
N ARG K 53 -39.28 36.03 82.14
CA ARG K 53 -39.93 36.29 80.86
C ARG K 53 -40.77 37.56 80.94
N GLU K 54 -40.42 38.54 80.12
CA GLU K 54 -41.07 39.86 80.19
C GLU K 54 -42.56 39.80 79.91
N ALA K 55 -42.95 39.07 78.88
CA ALA K 55 -44.36 38.93 78.55
C ALA K 55 -45.15 38.35 79.73
N GLU K 56 -44.43 37.69 80.65
CA GLU K 56 -45.08 37.04 81.78
C GLU K 56 -45.39 38.02 82.89
N VAL K 57 -44.41 38.82 83.28
CA VAL K 57 -44.60 39.76 84.37
C VAL K 57 -45.60 40.85 83.99
N ARG K 58 -45.42 41.43 82.80
CA ARG K 58 -46.31 42.48 82.35
C ARG K 58 -47.74 41.96 82.34
N ALA K 59 -47.88 40.64 82.31
CA ALA K 59 -49.18 40.00 82.36
C ALA K 59 -49.73 40.00 83.77
N LEU K 60 -48.86 39.69 84.74
CA LEU K 60 -49.27 39.69 86.14
C LEU K 60 -49.70 41.08 86.58
N LEU K 61 -49.01 42.11 86.11
CA LEU K 61 -49.38 43.47 86.47
C LEU K 61 -50.83 43.73 86.15
N ALA K 62 -51.21 43.51 84.89
CA ALA K 62 -52.59 43.66 84.48
C ALA K 62 -53.51 42.70 85.25
N GLY K 63 -52.90 41.78 85.98
CA GLY K 63 -53.64 40.81 86.77
C GLY K 63 -54.30 39.76 85.89
N ILE K 64 -53.48 38.89 85.31
CA ILE K 64 -53.97 37.88 84.38
C ILE K 64 -53.19 36.57 84.53
N PRO K 65 -53.63 35.70 85.46
CA PRO K 65 -52.99 34.40 85.69
C PRO K 65 -53.35 33.38 84.60
#